data_2OWL
#
_entry.id   2OWL
#
_cell.length_a   51.425
_cell.length_b   95.683
_cell.length_c   171.576
_cell.angle_alpha   90.00
_cell.angle_beta   90.00
_cell.angle_gamma   90.00
#
_symmetry.space_group_name_H-M   'P 21 21 21'
#
loop_
_entity.id
_entity.type
_entity.pdbx_description
1 polymer 'Recombination-associated protein rdgC'
2 non-polymer 'CALCIUM ION'
3 water water
#
_entity_poly.entity_id   1
_entity_poly.type   'polypeptide(L)'
_entity_poly.pdbx_seq_one_letter_code
;(MSE)LWFKNL(MSE)VYRLSREISLRAEE(MSE)EKQLAS(MSE)AFTPCGSQD(MSE)AK(MSE)GWVPP(MSE)GSH
SDALTHVANGQIVICARKEEKILPSPVIKQALEAKIAKLEAEQARKLKKTEKDSLKDEVLHSLLPRAFSRFSQT(MSE)
(MSE)WIDTVNGLI(MSE)VDCASAKKAEDTLALLRKSLGSLPVVPLS(MSE)ENPIELTLTEWVRSGSAAQGFQLLDEA
ELKSLLEDGGVIRAKKQDLTSEEITNHIEAGKVVTKLALDWQQRIQFV(MSE)CDDGSLKRLKFCDELRDQNEDIDREDF
AQRFDADFIL(MSE)TGELAALIQNLIEGLGGEAQR
;
_entity_poly.pdbx_strand_id   A,B
#
# COMPACT_ATOMS: atom_id res chain seq x y z
N LEU A 2 9.91 13.89 -18.69
CA LEU A 2 8.87 13.35 -17.79
C LEU A 2 8.16 14.51 -17.09
N TRP A 3 6.86 14.55 -17.39
CA TRP A 3 5.88 15.48 -16.83
C TRP A 3 5.55 15.16 -15.34
N PHE A 4 5.26 16.22 -14.59
CA PHE A 4 4.83 16.16 -13.23
C PHE A 4 3.62 15.22 -13.06
N LYS A 5 3.62 14.46 -11.97
CA LYS A 5 2.59 13.55 -11.65
C LYS A 5 1.72 14.01 -10.50
N ASN A 6 2.25 14.96 -9.76
CA ASN A 6 1.71 15.49 -8.49
C ASN A 6 2.37 16.86 -8.31
N LEU A 7 1.79 17.71 -7.39
CA LEU A 7 2.19 19.14 -7.20
C LEU A 7 1.90 19.71 -5.85
N VAL A 9 2.91 23.35 -4.22
CA VAL A 9 3.25 24.69 -4.52
C VAL A 9 3.64 25.55 -3.29
N TYR A 10 4.60 26.45 -3.48
CA TYR A 10 5.08 27.27 -2.43
C TYR A 10 5.30 28.63 -2.94
N ARG A 11 4.99 29.61 -2.11
CA ARG A 11 5.41 30.90 -2.42
C ARG A 11 6.82 31.21 -1.89
N LEU A 12 7.67 31.64 -2.81
CA LEU A 12 8.95 32.17 -2.46
C LEU A 12 8.87 33.69 -2.09
N SER A 13 9.28 33.99 -0.85
CA SER A 13 9.10 35.31 -0.22
C SER A 13 9.94 36.46 -0.85
N ARG A 14 9.44 36.90 -2.02
CA ARG A 14 9.85 38.09 -2.85
C ARG A 14 11.36 38.19 -3.33
N GLU A 15 11.79 37.06 -3.93
CA GLU A 15 13.06 36.83 -4.69
C GLU A 15 14.24 36.21 -3.94
N ILE A 16 15.08 35.59 -4.77
CA ILE A 16 16.37 34.99 -4.42
C ILE A 16 17.54 35.51 -5.29
N SER A 17 18.72 35.61 -4.67
CA SER A 17 19.96 35.92 -5.38
C SER A 17 20.24 34.79 -6.41
N LEU A 18 19.46 34.81 -7.49
CA LEU A 18 19.33 33.64 -8.42
C LEU A 18 20.28 33.59 -9.63
N ARG A 19 21.40 34.33 -9.55
CA ARG A 19 22.34 34.31 -10.66
C ARG A 19 22.68 32.87 -11.02
N ALA A 20 22.13 32.47 -12.18
CA ALA A 20 22.02 31.06 -12.54
C ALA A 20 23.36 30.50 -12.92
N GLU A 21 24.33 31.37 -13.15
CA GLU A 21 25.68 30.86 -13.28
C GLU A 21 26.39 30.70 -11.93
N GLU A 22 25.85 31.30 -10.86
CA GLU A 22 26.28 30.88 -9.52
C GLU A 22 25.25 29.94 -8.91
N GLU A 24 24.10 27.19 -10.54
CA GLU A 24 24.76 25.96 -10.99
C GLU A 24 25.93 25.56 -10.14
N LYS A 25 26.67 26.61 -9.73
CA LYS A 25 27.87 26.52 -8.87
C LYS A 25 27.60 26.07 -7.43
N GLN A 26 26.45 26.49 -6.92
CA GLN A 26 26.06 26.16 -5.56
C GLN A 26 25.44 24.81 -5.43
N LEU A 27 24.71 24.44 -6.47
CA LEU A 27 24.18 23.11 -6.56
C LEU A 27 25.29 22.09 -6.83
N ALA A 28 26.30 22.46 -7.64
CA ALA A 28 27.51 21.62 -7.94
C ALA A 28 28.19 21.00 -6.74
N SER A 29 28.26 21.79 -5.68
CA SER A 29 28.81 21.31 -4.40
C SER A 29 28.00 20.39 -3.56
N ALA A 31 26.04 18.14 -5.51
CA ALA A 31 25.72 17.11 -6.47
C ALA A 31 25.64 15.84 -5.70
N PHE A 32 25.02 14.83 -6.33
CA PHE A 32 24.61 13.62 -5.64
C PHE A 32 25.81 12.80 -5.46
N THR A 33 26.06 12.26 -4.26
CA THR A 33 27.08 11.17 -4.24
C THR A 33 26.51 9.93 -3.57
N PRO A 34 26.87 8.73 -4.06
CA PRO A 34 26.35 7.47 -3.55
C PRO A 34 26.69 7.21 -2.08
N CYS A 35 25.89 6.38 -1.41
CA CYS A 35 26.10 5.97 -0.02
C CYS A 35 27.34 5.14 0.16
N GLY A 36 28.03 5.39 1.29
CA GLY A 36 29.10 4.47 1.73
C GLY A 36 28.35 3.38 2.48
N SER A 37 29.02 2.28 2.77
CA SER A 37 28.32 1.14 3.28
C SER A 37 27.82 1.35 4.73
N GLN A 38 28.26 2.40 5.43
CA GLN A 38 27.59 2.80 6.66
C GLN A 38 26.65 3.99 6.56
N ASP A 39 26.43 4.50 5.35
CA ASP A 39 25.39 5.49 5.19
C ASP A 39 24.06 4.78 5.00
N ALA A 41 21.32 6.76 3.78
CA ALA A 41 20.63 7.57 2.75
C ALA A 41 21.53 8.79 2.45
N LYS A 42 21.73 9.06 1.14
CA LYS A 42 22.32 10.30 0.66
C LYS A 42 21.28 11.00 -0.22
N GLY A 44 21.15 14.43 -3.27
CA GLY A 44 21.89 15.59 -3.84
C GLY A 44 21.46 15.80 -5.25
N TRP A 45 21.90 16.87 -5.83
CA TRP A 45 21.44 17.30 -7.17
C TRP A 45 21.96 16.40 -8.28
N VAL A 46 21.05 16.16 -9.20
CA VAL A 46 21.36 15.56 -10.50
C VAL A 46 20.79 16.41 -11.61
N PRO A 47 21.38 16.25 -12.80
CA PRO A 47 20.92 16.85 -14.05
C PRO A 47 19.45 16.57 -14.27
N PRO A 48 18.61 17.64 -14.40
CA PRO A 48 17.24 17.41 -14.77
C PRO A 48 17.10 16.63 -16.08
N GLY A 50 19.41 14.28 -17.59
CA GLY A 50 19.77 12.86 -17.55
C GLY A 50 21.19 12.63 -17.94
N SER A 51 21.49 11.43 -18.42
CA SER A 51 22.81 11.20 -19.03
C SER A 51 23.09 12.24 -20.14
N HIS A 52 22.04 12.76 -20.77
CA HIS A 52 22.12 13.75 -21.85
C HIS A 52 22.63 15.12 -21.49
N SER A 53 22.69 15.48 -20.22
CA SER A 53 23.35 16.74 -19.84
C SER A 53 24.21 16.54 -18.58
N ASP A 54 25.11 17.50 -18.41
CA ASP A 54 25.88 17.57 -17.19
C ASP A 54 25.43 18.72 -16.27
N ALA A 55 24.59 19.62 -16.81
CA ALA A 55 24.06 20.78 -16.13
C ALA A 55 22.97 20.38 -15.09
N LEU A 56 23.16 20.89 -13.87
CA LEU A 56 22.30 20.68 -12.71
C LEU A 56 20.99 21.50 -12.75
N THR A 57 20.97 22.59 -13.52
CA THR A 57 19.77 23.39 -13.77
C THR A 57 19.36 23.34 -15.29
N HIS A 58 18.08 23.46 -15.59
CA HIS A 58 17.67 23.90 -16.92
C HIS A 58 16.77 25.14 -16.76
N VAL A 59 17.13 26.22 -17.46
CA VAL A 59 16.36 27.49 -17.52
C VAL A 59 15.75 27.77 -18.90
N ALA A 60 14.47 28.14 -18.95
CA ALA A 60 13.81 28.55 -20.20
C ALA A 60 12.75 29.55 -19.82
N ASN A 61 13.01 30.85 -19.94
CA ASN A 61 11.93 31.83 -19.67
C ASN A 61 11.67 32.27 -18.25
N GLY A 62 12.76 32.33 -17.48
CA GLY A 62 12.65 32.58 -16.02
C GLY A 62 11.99 31.41 -15.26
N GLN A 63 12.01 30.21 -15.85
CA GLN A 63 11.60 28.97 -15.24
C GLN A 63 12.84 28.13 -15.12
N ILE A 64 13.11 27.61 -13.92
CA ILE A 64 14.25 26.74 -13.55
C ILE A 64 13.71 25.38 -13.10
N VAL A 65 14.29 24.32 -13.59
CA VAL A 65 13.98 23.05 -13.12
C VAL A 65 15.32 22.41 -12.56
N ILE A 66 15.17 21.69 -11.45
CA ILE A 66 16.32 21.07 -10.74
C ILE A 66 15.85 19.76 -10.23
N CYS A 67 16.78 18.86 -10.04
CA CYS A 67 16.37 17.50 -9.74
C CYS A 67 17.08 16.93 -8.50
N ALA A 68 16.33 16.42 -7.56
CA ALA A 68 16.97 15.84 -6.32
C ALA A 68 16.87 14.36 -6.26
N ARG A 69 18.00 13.68 -6.29
CA ARG A 69 18.13 12.23 -6.16
C ARG A 69 18.35 11.82 -4.72
N LYS A 70 17.78 10.70 -4.31
CA LYS A 70 17.82 10.25 -2.92
C LYS A 70 18.22 8.76 -2.96
N GLU A 71 19.13 8.34 -2.09
CA GLU A 71 19.41 6.94 -2.12
C GLU A 71 19.14 6.51 -0.76
N GLU A 72 18.34 5.46 -0.63
CA GLU A 72 18.00 4.93 0.69
C GLU A 72 18.27 3.41 0.74
N LYS A 73 18.93 3.00 1.80
CA LYS A 73 19.23 1.59 2.05
C LYS A 73 17.97 0.75 2.35
N ILE A 74 17.86 -0.40 1.67
CA ILE A 74 16.75 -1.32 1.90
C ILE A 74 17.05 -2.16 3.19
N LEU A 75 16.71 -1.69 4.35
CA LEU A 75 16.99 -2.40 5.62
C LEU A 75 15.74 -2.53 6.51
N PRO A 76 14.90 -3.53 6.23
CA PRO A 76 13.59 -3.57 6.85
C PRO A 76 13.63 -3.76 8.37
N SER A 77 12.68 -3.11 9.05
CA SER A 77 12.60 -3.09 10.52
C SER A 77 12.56 -4.48 11.13
N PRO A 78 11.87 -5.47 10.45
CA PRO A 78 11.87 -6.88 10.85
C PRO A 78 13.19 -7.61 10.69
N VAL A 79 14.05 -7.15 9.80
CA VAL A 79 15.36 -7.75 9.59
C VAL A 79 16.31 -7.43 10.76
N ILE A 80 16.31 -6.16 11.19
CA ILE A 80 17.08 -5.63 12.32
C ILE A 80 16.60 -6.29 13.61
N LYS A 81 15.27 -6.22 13.82
CA LYS A 81 14.52 -6.88 14.93
C LYS A 81 14.91 -8.30 15.17
N GLN A 82 15.08 -9.09 14.14
CA GLN A 82 15.55 -10.47 14.30
C GLN A 82 17.05 -10.65 14.59
N ALA A 83 17.91 -9.93 13.86
CA ALA A 83 19.36 -9.89 14.11
C ALA A 83 19.72 -9.65 15.57
N LEU A 84 18.99 -8.72 16.16
CA LEU A 84 19.17 -8.30 17.55
C LEU A 84 18.73 -9.36 18.53
N GLU A 85 17.46 -9.75 18.46
CA GLU A 85 16.94 -10.89 19.18
C GLU A 85 17.82 -12.15 19.04
N ALA A 86 18.17 -12.56 17.82
CA ALA A 86 19.13 -13.66 17.68
C ALA A 86 20.37 -13.55 18.62
N LYS A 87 20.97 -12.35 18.72
CA LYS A 87 22.17 -12.12 19.59
C LYS A 87 21.87 -11.81 21.09
N ILE A 88 20.76 -11.13 21.35
CA ILE A 88 20.23 -10.93 22.72
C ILE A 88 19.80 -12.27 23.35
N ALA A 89 19.35 -13.19 22.49
CA ALA A 89 18.95 -14.56 22.90
C ALA A 89 20.18 -15.49 23.04
N LYS A 90 21.33 -15.03 22.53
CA LYS A 90 22.57 -15.80 22.54
C LYS A 90 23.44 -15.55 23.75
N LEU A 91 23.38 -14.33 24.32
CA LEU A 91 23.92 -14.12 25.67
C LEU A 91 23.20 -15.10 26.61
N GLU A 92 21.88 -14.93 26.63
CA GLU A 92 20.92 -15.65 27.48
C GLU A 92 20.84 -17.17 27.26
N ALA A 93 21.13 -17.61 26.03
CA ALA A 93 21.44 -19.02 25.77
C ALA A 93 22.62 -19.46 26.67
N GLU A 94 23.32 -18.50 27.31
CA GLU A 94 24.18 -18.82 28.50
C GLU A 94 24.09 -17.87 29.73
N GLN A 95 23.05 -18.15 30.52
CA GLN A 95 22.47 -17.37 31.65
C GLN A 95 21.54 -16.19 31.31
N ALA A 96 20.24 -16.40 31.51
CA ALA A 96 19.15 -15.44 31.20
C ALA A 96 19.29 -14.01 31.80
N ARG A 97 18.18 -13.26 31.83
CA ARG A 97 18.12 -11.87 32.36
C ARG A 97 18.87 -10.86 31.46
N LYS A 98 18.12 -10.12 30.65
CA LYS A 98 18.70 -9.28 29.55
C LYS A 98 19.36 -7.92 29.92
N LEU A 99 18.57 -6.88 30.24
CA LEU A 99 19.03 -5.51 30.67
C LEU A 99 19.95 -4.73 29.65
N LYS A 100 19.62 -3.49 29.23
CA LYS A 100 18.65 -2.54 29.79
C LYS A 100 18.95 -1.14 29.17
N LYS A 101 18.05 -0.63 28.29
CA LYS A 101 18.07 0.78 27.73
C LYS A 101 19.29 1.26 26.86
N THR A 102 20.33 1.83 27.50
CA THR A 102 21.61 2.18 26.83
C THR A 102 22.56 0.96 26.67
N GLU A 103 22.01 -0.24 26.89
CA GLU A 103 22.73 -1.52 26.71
C GLU A 103 22.58 -2.01 25.27
N LYS A 104 21.34 -1.93 24.78
CA LYS A 104 21.00 -2.28 23.42
C LYS A 104 20.73 -1.05 22.58
N ASP A 105 21.48 0.01 22.90
CA ASP A 105 21.87 1.02 21.93
C ASP A 105 23.26 0.62 21.38
N SER A 106 24.09 0.03 22.25
CA SER A 106 25.39 -0.54 21.84
C SER A 106 25.23 -1.87 21.06
N LEU A 107 24.31 -2.74 21.53
CA LEU A 107 24.05 -4.01 20.85
C LEU A 107 23.35 -3.77 19.52
N LYS A 108 22.36 -2.87 19.54
CA LYS A 108 21.56 -2.53 18.37
C LYS A 108 22.40 -1.97 17.23
N ASP A 109 23.49 -1.25 17.55
CA ASP A 109 24.39 -0.70 16.53
C ASP A 109 25.46 -1.64 15.98
N GLU A 110 25.82 -2.64 16.76
CA GLU A 110 26.56 -3.77 16.22
C GLU A 110 25.76 -4.37 15.05
N VAL A 111 24.44 -4.56 15.24
CA VAL A 111 23.62 -5.18 14.16
C VAL A 111 23.53 -4.29 12.95
N LEU A 112 23.36 -2.99 13.21
CA LEU A 112 23.33 -2.00 12.15
C LEU A 112 24.66 -1.86 11.40
N HIS A 113 25.79 -1.84 12.11
CA HIS A 113 27.12 -1.78 11.47
C HIS A 113 27.35 -3.07 10.69
N SER A 114 26.64 -4.09 11.11
CA SER A 114 26.85 -5.42 10.62
C SER A 114 26.01 -5.68 9.34
N LEU A 115 24.81 -5.13 9.33
CA LEU A 115 23.82 -5.43 8.31
C LEU A 115 23.89 -4.39 7.18
N LEU A 116 24.02 -3.13 7.61
CA LEU A 116 24.17 -1.97 6.75
C LEU A 116 24.99 -2.17 5.49
N PRO A 117 26.25 -2.71 5.60
CA PRO A 117 27.01 -2.92 4.38
C PRO A 117 26.38 -3.78 3.28
N ARG A 118 25.55 -4.79 3.64
CA ARG A 118 24.95 -5.72 2.63
C ARG A 118 23.60 -5.31 2.00
N ALA A 119 22.93 -4.39 2.70
CA ALA A 119 21.66 -3.78 2.36
C ALA A 119 21.73 -3.26 0.97
N PHE A 120 20.71 -3.48 0.20
CA PHE A 120 20.69 -2.95 -1.14
C PHE A 120 20.14 -1.55 -1.08
N SER A 121 20.24 -0.79 -2.19
CA SER A 121 19.63 0.60 -2.18
C SER A 121 18.32 0.73 -2.97
N ARG A 122 17.50 1.65 -2.46
CA ARG A 122 16.34 2.14 -3.16
C ARG A 122 16.56 3.61 -3.57
N PHE A 123 16.27 3.88 -4.85
CA PHE A 123 16.34 5.24 -5.54
C PHE A 123 15.04 6.02 -5.82
N SER A 124 15.10 7.33 -5.57
CA SER A 124 13.96 8.23 -5.72
C SER A 124 14.60 9.52 -6.31
N GLN A 125 13.81 10.30 -7.05
CA GLN A 125 14.29 11.51 -7.74
C GLN A 125 13.09 12.39 -7.84
N THR A 126 13.23 13.63 -7.38
CA THR A 126 12.16 14.66 -7.28
C THR A 126 12.55 15.88 -8.02
N TRP A 129 10.54 22.88 -9.77
CA TRP A 129 10.42 23.90 -10.78
C TRP A 129 10.18 25.18 -10.01
N ILE A 130 10.89 26.20 -10.42
CA ILE A 130 10.91 27.43 -9.80
C ILE A 130 10.53 28.40 -10.90
N ASP A 131 9.44 29.12 -10.65
CA ASP A 131 8.86 30.06 -11.55
C ASP A 131 9.25 31.42 -10.92
N THR A 132 10.32 32.00 -11.47
CA THR A 132 10.80 33.35 -11.17
C THR A 132 9.84 34.49 -11.55
N VAL A 133 8.86 34.20 -12.42
CA VAL A 133 7.90 35.22 -12.80
C VAL A 133 6.78 35.30 -11.74
N ASN A 134 6.05 34.21 -11.53
CA ASN A 134 5.14 34.15 -10.42
C ASN A 134 5.70 34.06 -8.98
N GLY A 135 7.01 33.95 -8.81
CA GLY A 135 7.57 33.88 -7.39
C GLY A 135 7.08 32.65 -6.62
N LEU A 136 7.03 31.50 -7.29
CA LEU A 136 6.43 30.30 -6.85
C LEU A 136 7.38 29.15 -7.14
N ILE A 137 7.36 28.14 -6.28
CA ILE A 137 8.09 26.88 -6.51
C ILE A 137 7.21 25.67 -6.48
N VAL A 139 6.80 21.49 -6.54
CA VAL A 139 7.57 20.27 -6.29
C VAL A 139 6.77 19.10 -6.74
N ASP A 140 7.37 18.23 -7.52
CA ASP A 140 6.70 17.11 -8.17
C ASP A 140 6.74 15.99 -7.21
N CYS A 141 5.97 16.14 -6.16
CA CYS A 141 5.92 15.05 -5.19
C CYS A 141 4.51 14.95 -4.58
N ALA A 142 4.13 13.72 -4.23
CA ALA A 142 2.91 13.50 -3.47
C ALA A 142 2.87 13.89 -1.91
N SER A 143 3.99 13.90 -1.16
CA SER A 143 3.94 14.30 0.34
C SER A 143 4.66 15.53 0.71
N ALA A 144 4.06 16.27 1.63
CA ALA A 144 4.67 17.38 2.38
C ALA A 144 6.08 17.18 2.93
N LYS A 145 6.41 16.01 3.45
CA LYS A 145 7.74 15.75 3.92
C LYS A 145 8.81 15.60 2.84
N LYS A 146 8.47 14.94 1.73
CA LYS A 146 9.35 14.88 0.60
C LYS A 146 9.63 16.22 -0.03
N ALA A 147 8.59 17.08 -0.11
CA ALA A 147 8.74 18.44 -0.62
C ALA A 147 9.56 19.24 0.35
N GLU A 148 9.50 18.94 1.63
CA GLU A 148 10.28 19.71 2.64
C GLU A 148 11.70 19.29 2.68
N ASP A 149 12.02 18.06 2.30
CA ASP A 149 13.40 17.53 2.27
C ASP A 149 14.15 18.16 1.07
N THR A 150 13.50 18.26 -0.07
CA THR A 150 14.05 18.95 -1.28
C THR A 150 14.18 20.44 -1.05
N LEU A 151 13.33 21.03 -0.23
CA LEU A 151 13.41 22.45 -0.11
C LEU A 151 14.65 22.77 0.78
N ALA A 152 14.75 22.05 1.92
CA ALA A 152 15.90 22.02 2.81
C ALA A 152 17.16 21.74 2.06
N LEU A 153 17.17 20.68 1.21
CA LEU A 153 18.35 20.52 0.34
C LEU A 153 18.60 21.82 -0.44
N LEU A 154 17.57 22.41 -1.05
CA LEU A 154 17.81 23.59 -1.84
C LEU A 154 18.31 24.74 -0.97
N ARG A 155 17.65 24.95 0.15
CA ARG A 155 18.01 26.03 1.05
C ARG A 155 19.45 25.82 1.65
N LYS A 156 19.94 24.60 1.70
CA LYS A 156 21.31 24.38 2.13
C LYS A 156 22.26 24.78 1.04
N SER A 157 21.98 24.46 -0.22
CA SER A 157 22.86 24.83 -1.32
C SER A 157 23.01 26.37 -1.37
N LEU A 158 21.93 27.08 -1.04
CA LEU A 158 21.80 28.47 -1.40
C LEU A 158 21.87 29.43 -0.21
N GLY A 159 21.62 28.90 0.99
CA GLY A 159 21.85 29.62 2.25
C GLY A 159 20.49 29.86 2.88
N SER A 160 19.69 30.72 2.23
CA SER A 160 18.38 31.07 2.70
C SER A 160 17.41 30.78 1.58
N LEU A 161 16.18 30.38 1.95
CA LEU A 161 15.15 30.08 0.97
C LEU A 161 13.93 30.23 1.71
N PRO A 162 13.36 31.48 1.78
CA PRO A 162 12.08 31.69 2.47
C PRO A 162 10.88 31.39 1.51
N VAL A 163 10.25 30.22 1.73
CA VAL A 163 9.05 29.71 1.10
C VAL A 163 7.96 29.61 2.17
N VAL A 164 6.68 29.77 1.80
CA VAL A 164 5.56 29.23 2.57
C VAL A 164 4.59 28.57 1.61
N PRO A 165 3.82 27.58 2.09
CA PRO A 165 2.63 27.12 1.30
C PRO A 165 1.61 28.19 0.92
N LEU A 166 0.80 27.92 -0.09
CA LEU A 166 -0.19 28.92 -0.44
C LEU A 166 -1.34 28.79 0.51
N SER A 167 -1.89 29.90 0.88
CA SER A 167 -2.90 29.79 1.82
C SER A 167 -3.99 30.61 1.18
N GLU A 169 -7.74 32.54 1.13
CA GLU A 169 -8.78 33.30 1.76
C GLU A 169 -9.87 32.41 2.34
N ASN A 170 -10.62 31.69 1.44
CA ASN A 170 -11.58 30.70 1.86
C ASN A 170 -11.01 29.32 2.05
N PRO A 171 -11.54 28.62 3.10
CA PRO A 171 -11.09 27.26 3.13
C PRO A 171 -11.46 26.50 1.87
N ILE A 172 -10.47 25.65 1.43
CA ILE A 172 -10.61 24.71 0.29
C ILE A 172 -11.77 23.73 0.41
N GLU A 173 -11.97 23.02 1.57
CA GLU A 173 -13.04 22.01 1.63
C GLU A 173 -14.37 22.65 1.29
N LEU A 174 -14.47 23.90 1.71
CA LEU A 174 -15.75 24.68 1.68
C LEU A 174 -16.02 25.23 0.25
N THR A 175 -14.98 25.62 -0.42
CA THR A 175 -15.08 26.00 -1.88
C THR A 175 -15.33 24.73 -2.60
N LEU A 176 -14.64 23.64 -2.25
CA LEU A 176 -14.95 22.34 -2.94
C LEU A 176 -16.26 21.76 -2.81
N THR A 177 -16.88 21.95 -1.66
CA THR A 177 -18.19 21.43 -1.32
C THR A 177 -19.26 22.22 -2.05
N GLU A 178 -19.10 23.51 -2.11
CA GLU A 178 -20.06 24.37 -2.91
C GLU A 178 -20.04 24.12 -4.41
N TRP A 179 -18.85 23.79 -5.05
CA TRP A 179 -18.76 23.34 -6.47
C TRP A 179 -19.60 22.13 -6.61
N VAL A 180 -19.42 21.11 -5.78
CA VAL A 180 -20.31 19.93 -5.82
C VAL A 180 -21.74 20.25 -5.53
N ARG A 181 -21.96 20.93 -4.40
CA ARG A 181 -23.31 21.33 -4.03
C ARG A 181 -24.13 22.12 -5.11
N SER A 182 -23.50 23.09 -5.79
CA SER A 182 -24.12 23.89 -6.85
C SER A 182 -24.06 23.17 -8.23
N GLY A 183 -23.27 22.14 -8.35
CA GLY A 183 -23.27 21.36 -9.54
C GLY A 183 -22.36 21.88 -10.60
N SER A 184 -21.52 22.86 -10.22
CA SER A 184 -20.58 23.43 -11.15
C SER A 184 -19.33 23.90 -10.36
N ALA A 185 -18.12 23.51 -10.77
CA ALA A 185 -16.80 24.10 -10.40
C ALA A 185 -16.47 25.55 -10.93
N ALA A 186 -15.63 26.33 -10.20
CA ALA A 186 -15.23 27.67 -10.65
C ALA A 186 -14.80 27.68 -12.16
N GLN A 187 -14.85 28.88 -12.74
CA GLN A 187 -14.68 29.10 -14.10
C GLN A 187 -13.29 28.59 -14.47
N GLY A 188 -13.19 27.80 -15.56
CA GLY A 188 -11.95 27.26 -16.00
C GLY A 188 -11.98 25.76 -15.77
N PHE A 189 -12.66 25.34 -14.73
CA PHE A 189 -12.57 23.97 -14.18
C PHE A 189 -13.86 23.33 -14.40
N GLN A 190 -13.80 22.03 -14.61
CA GLN A 190 -14.89 21.21 -14.68
C GLN A 190 -14.76 19.96 -13.67
N LEU A 191 -15.85 19.64 -12.95
CA LEU A 191 -16.09 18.38 -12.21
C LEU A 191 -16.03 16.99 -12.89
N LEU A 192 -15.14 16.09 -12.43
CA LEU A 192 -14.96 14.79 -12.94
C LEU A 192 -15.71 13.94 -12.01
N ASP A 193 -15.23 12.73 -11.74
CA ASP A 193 -16.13 11.68 -11.22
C ASP A 193 -15.57 11.09 -9.86
N GLU A 194 -14.67 11.81 -9.21
CA GLU A 194 -13.99 11.22 -8.07
C GLU A 194 -13.95 12.24 -6.91
N ALA A 195 -14.46 11.80 -5.79
CA ALA A 195 -14.43 12.67 -4.57
C ALA A 195 -14.35 11.91 -3.26
N GLU A 196 -13.90 12.70 -2.27
CA GLU A 196 -13.84 12.34 -0.87
C GLU A 196 -14.61 13.29 -0.01
N LEU A 197 -15.50 12.77 0.81
CA LEU A 197 -16.40 13.59 1.57
C LEU A 197 -16.22 13.20 3.04
N LYS A 198 -15.88 14.15 3.84
CA LYS A 198 -15.77 13.82 5.28
C LYS A 198 -16.74 14.50 6.20
N SER A 199 -17.26 13.76 7.17
CA SER A 199 -17.98 14.46 8.24
C SER A 199 -17.05 15.53 8.84
N LEU A 200 -17.68 16.49 9.49
CA LEU A 200 -16.86 17.49 10.25
C LEU A 200 -16.28 16.96 11.58
N LEU A 201 -16.78 15.80 12.02
CA LEU A 201 -16.41 15.12 13.27
C LEU A 201 -15.47 13.96 13.00
N GLU A 202 -14.27 13.96 13.60
CA GLU A 202 -13.48 12.72 13.64
C GLU A 202 -14.45 11.64 14.18
N ASP A 203 -14.64 10.59 13.37
CA ASP A 203 -15.57 9.48 13.73
C ASP A 203 -16.96 9.57 13.15
N GLY A 204 -17.24 10.66 12.45
CA GLY A 204 -18.57 10.79 11.84
C GLY A 204 -18.91 10.32 10.40
N GLY A 205 -17.95 9.74 9.66
CA GLY A 205 -18.40 9.25 8.31
C GLY A 205 -17.53 9.82 7.17
N VAL A 206 -16.88 8.88 6.52
CA VAL A 206 -16.00 9.17 5.36
C VAL A 206 -16.58 8.37 4.13
N ILE A 207 -16.76 9.07 3.01
CA ILE A 207 -17.28 8.52 1.75
C ILE A 207 -16.23 8.81 0.73
N ARG A 208 -15.69 7.73 0.16
CA ARG A 208 -14.80 7.79 -1.01
C ARG A 208 -15.58 7.39 -2.26
N ALA A 209 -15.68 8.30 -3.22
CA ALA A 209 -16.46 7.89 -4.48
C ALA A 209 -15.60 7.85 -5.66
N LYS A 210 -15.64 6.79 -6.46
CA LYS A 210 -14.93 6.74 -7.81
C LYS A 210 -15.92 6.46 -9.00
N LYS A 211 -15.57 6.99 -10.17
CA LYS A 211 -16.34 6.73 -11.44
C LYS A 211 -17.81 7.02 -11.24
N GLN A 212 -18.10 8.06 -10.46
CA GLN A 212 -19.42 8.34 -9.95
C GLN A 212 -19.86 9.64 -10.46
N ASP A 213 -21.15 9.79 -10.58
CA ASP A 213 -21.76 11.02 -10.96
C ASP A 213 -21.88 11.89 -9.71
N LEU A 214 -21.06 12.93 -9.63
CA LEU A 214 -21.01 13.88 -8.43
C LEU A 214 -22.12 14.89 -8.08
N THR A 215 -22.62 15.51 -9.14
CA THR A 215 -23.88 16.28 -9.21
C THR A 215 -24.96 15.23 -9.53
N SER A 216 -25.45 14.61 -8.46
CA SER A 216 -26.49 13.64 -8.46
C SER A 216 -26.91 13.71 -6.99
N GLU A 217 -28.09 13.26 -6.61
CA GLU A 217 -28.49 13.47 -5.20
C GLU A 217 -27.96 12.41 -4.23
N GLU A 218 -27.29 11.40 -4.78
CA GLU A 218 -26.62 10.35 -4.02
C GLU A 218 -25.50 11.01 -3.23
N ILE A 219 -24.80 11.91 -3.96
CA ILE A 219 -23.71 12.77 -3.49
C ILE A 219 -24.23 13.95 -2.71
N THR A 220 -25.12 14.70 -3.31
CA THR A 220 -25.90 15.77 -2.59
C THR A 220 -26.31 15.44 -1.17
N ASN A 221 -26.89 14.24 -0.96
CA ASN A 221 -27.30 13.81 0.41
C ASN A 221 -26.18 13.93 1.38
N HIS A 222 -24.98 13.64 0.90
CA HIS A 222 -23.84 13.54 1.83
C HIS A 222 -23.48 14.92 2.36
N ILE A 223 -23.52 15.89 1.42
CA ILE A 223 -23.28 17.27 1.78
C ILE A 223 -24.37 17.80 2.69
N GLU A 224 -25.61 17.42 2.39
CA GLU A 224 -26.82 17.80 3.14
C GLU A 224 -26.88 17.25 4.54
N ALA A 225 -26.36 16.03 4.76
CA ALA A 225 -25.95 15.55 6.11
C ALA A 225 -24.70 16.30 6.40
N GLY A 226 -24.00 16.27 7.51
CA GLY A 226 -22.88 17.41 7.49
C GLY A 226 -21.57 17.23 6.65
N LYS A 227 -21.51 16.36 5.65
CA LYS A 227 -20.14 16.13 5.01
C LYS A 227 -19.58 17.25 4.11
N VAL A 228 -18.26 17.40 4.17
CA VAL A 228 -17.43 18.32 3.38
C VAL A 228 -16.59 17.50 2.44
N VAL A 229 -16.44 18.05 1.21
CA VAL A 229 -15.60 17.60 0.10
C VAL A 229 -14.22 17.95 0.24
N THR A 230 -13.35 16.92 0.43
CA THR A 230 -11.96 17.15 0.83
C THR A 230 -11.00 16.76 -0.25
N LYS A 231 -11.52 16.09 -1.28
CA LYS A 231 -10.72 15.72 -2.48
C LYS A 231 -11.68 15.74 -3.66
N LEU A 232 -11.36 16.49 -4.69
CA LEU A 232 -12.25 16.57 -5.87
C LEU A 232 -11.46 16.43 -7.12
N ALA A 233 -11.78 15.38 -7.91
CA ALA A 233 -11.27 15.39 -9.34
C ALA A 233 -11.84 16.50 -10.24
N LEU A 234 -10.90 17.17 -10.90
CA LEU A 234 -11.07 18.35 -11.76
C LEU A 234 -10.43 18.25 -13.12
N ASP A 235 -11.04 18.86 -14.13
CA ASP A 235 -10.35 18.88 -15.47
C ASP A 235 -10.16 20.29 -15.86
N TRP A 236 -8.97 20.78 -16.21
CA TRP A 236 -8.87 22.08 -16.56
C TRP A 236 -8.71 22.11 -18.17
N GLN A 237 -9.66 22.84 -18.77
CA GLN A 237 -9.74 23.13 -20.23
C GLN A 237 -9.61 21.93 -21.14
N GLN A 238 -10.20 20.77 -20.89
CA GLN A 238 -9.98 19.57 -21.77
C GLN A 238 -8.49 19.06 -21.85
N ARG A 239 -7.53 19.76 -21.18
CA ARG A 239 -6.02 19.67 -21.23
C ARG A 239 -5.26 19.10 -20.01
N ILE A 240 -5.75 19.34 -18.76
CA ILE A 240 -5.10 18.79 -17.47
C ILE A 240 -6.13 18.44 -16.48
N GLN A 241 -6.26 17.13 -16.20
CA GLN A 241 -6.98 16.54 -15.03
C GLN A 241 -6.00 16.32 -13.78
N PHE A 242 -6.61 16.35 -12.58
CA PHE A 242 -5.84 16.25 -11.28
C PHE A 242 -6.89 16.06 -10.19
N VAL A 243 -6.50 15.62 -8.99
CA VAL A 243 -7.37 15.68 -7.72
C VAL A 243 -6.92 16.92 -6.98
N CYS A 245 -6.78 18.63 -3.53
CA CYS A 245 -6.81 18.21 -2.07
C CYS A 245 -7.03 19.41 -1.17
N ASP A 246 -7.87 19.25 -0.15
CA ASP A 246 -7.95 20.30 0.89
C ASP A 246 -6.76 20.83 1.60
N ASP A 247 -5.61 20.17 1.51
CA ASP A 247 -4.40 20.72 1.99
C ASP A 247 -3.70 21.57 1.01
N GLY A 248 -4.29 21.90 -0.17
CA GLY A 248 -3.65 22.72 -1.15
C GLY A 248 -2.85 22.01 -2.18
N SER A 249 -2.74 20.72 -2.10
CA SER A 249 -1.97 19.93 -3.03
C SER A 249 -2.85 19.34 -4.21
N LEU A 250 -2.17 18.94 -5.28
CA LEU A 250 -2.72 18.40 -6.57
C LEU A 250 -2.06 17.10 -6.74
N LYS A 251 -2.87 16.11 -6.68
CA LYS A 251 -2.53 14.77 -6.94
C LYS A 251 -2.88 14.24 -8.34
N ARG A 252 -2.12 13.26 -8.77
CA ARG A 252 -2.39 12.53 -10.00
C ARG A 252 -2.67 13.36 -11.23
N LEU A 253 -1.74 14.26 -11.48
CA LEU A 253 -1.75 15.05 -12.67
C LEU A 253 -1.84 14.12 -13.92
N LYS A 254 -2.75 14.48 -14.86
CA LYS A 254 -2.81 13.84 -16.23
C LYS A 254 -2.86 14.88 -17.30
N PHE A 255 -1.86 14.89 -18.18
CA PHE A 255 -1.81 15.76 -19.32
C PHE A 255 -2.46 15.07 -20.57
N CYS A 256 -3.44 15.78 -21.23
CA CYS A 256 -4.04 15.26 -22.51
C CYS A 256 -2.94 14.87 -23.49
N ASP A 257 -3.23 13.80 -24.22
CA ASP A 257 -2.51 13.44 -25.46
C ASP A 257 -2.01 14.62 -26.35
N GLU A 258 -2.74 15.68 -26.46
CA GLU A 258 -2.34 16.72 -27.39
C GLU A 258 -1.17 17.57 -26.97
N LEU A 259 -0.88 17.56 -25.66
CA LEU A 259 0.22 18.35 -25.11
C LEU A 259 1.31 17.39 -25.04
N ARG A 260 1.00 16.17 -24.67
CA ARG A 260 2.06 15.16 -24.60
C ARG A 260 2.66 14.97 -25.97
N ASP A 261 1.79 14.83 -27.00
CA ASP A 261 2.26 14.63 -28.40
C ASP A 261 2.58 15.90 -29.15
N GLN A 262 2.22 17.06 -28.61
CA GLN A 262 2.50 18.32 -29.29
C GLN A 262 3.84 18.30 -30.07
N ASN A 263 4.92 17.95 -29.42
CA ASN A 263 6.25 18.10 -30.02
C ASN A 263 6.77 16.72 -30.57
N GLU A 264 5.86 15.86 -30.98
CA GLU A 264 6.13 14.56 -31.60
C GLU A 264 7.05 14.64 -32.85
N ASP A 265 6.99 15.77 -33.57
CA ASP A 265 7.80 15.99 -34.80
C ASP A 265 9.26 16.45 -34.56
N ILE A 266 9.68 16.50 -33.30
CA ILE A 266 11.10 16.77 -32.98
C ILE A 266 11.78 15.42 -33.11
N ASP A 267 12.95 15.43 -33.76
CA ASP A 267 13.56 14.26 -34.40
C ASP A 267 13.31 12.90 -33.75
N ARG A 268 13.16 12.94 -32.44
CA ARG A 268 13.20 11.79 -31.54
C ARG A 268 14.65 11.54 -31.26
N GLU A 269 15.48 12.54 -31.56
CA GLU A 269 16.93 12.35 -31.57
C GLU A 269 17.61 13.35 -30.65
N ASP A 270 17.47 14.66 -30.94
CA ASP A 270 17.92 15.72 -30.01
C ASP A 270 17.05 15.76 -28.76
N PHE A 271 17.54 15.11 -27.71
CA PHE A 271 16.89 15.10 -26.42
C PHE A 271 16.90 16.51 -25.77
N ALA A 272 17.99 17.26 -25.89
CA ALA A 272 18.07 18.62 -25.37
C ALA A 272 17.05 19.62 -25.89
N GLN A 273 16.49 19.33 -27.08
CA GLN A 273 15.49 20.21 -27.72
C GLN A 273 14.04 19.78 -27.57
N ARG A 274 13.87 18.44 -27.50
CA ARG A 274 12.65 17.82 -26.99
C ARG A 274 12.36 18.22 -25.51
N PHE A 275 13.36 18.21 -24.62
CA PHE A 275 13.22 18.60 -23.22
C PHE A 275 12.95 20.07 -23.23
N ASP A 276 13.56 20.78 -24.16
CA ASP A 276 13.41 22.22 -24.14
C ASP A 276 12.02 22.64 -24.55
N ALA A 277 11.44 21.91 -25.49
CA ALA A 277 10.16 22.31 -26.01
C ALA A 277 9.08 21.89 -25.01
N ASP A 278 9.30 20.75 -24.39
CA ASP A 278 8.35 20.11 -23.49
C ASP A 278 8.25 20.85 -22.16
N PHE A 279 9.40 21.31 -21.72
CA PHE A 279 9.56 22.10 -20.51
C PHE A 279 8.93 23.39 -20.65
N ILE A 280 9.18 24.16 -21.74
CA ILE A 280 8.49 25.49 -21.93
C ILE A 280 6.95 25.24 -22.04
N LEU A 281 6.54 24.20 -22.73
CA LEU A 281 5.14 23.88 -22.89
C LEU A 281 4.45 23.52 -21.51
N THR A 283 5.42 24.10 -18.31
CA THR A 283 5.44 25.19 -17.35
C THR A 283 4.51 26.36 -17.71
N GLY A 284 4.39 26.71 -19.01
CA GLY A 284 3.39 27.75 -19.36
C GLY A 284 1.95 27.32 -19.07
N GLU A 285 1.66 26.11 -19.43
CA GLU A 285 0.40 25.45 -19.14
C GLU A 285 0.09 25.27 -17.57
N LEU A 286 1.03 24.72 -16.78
CA LEU A 286 0.80 24.60 -15.28
C LEU A 286 0.73 25.94 -14.68
N ALA A 287 1.51 26.90 -15.17
CA ALA A 287 1.43 28.24 -14.68
C ALA A 287 0.10 28.84 -14.88
N ALA A 288 -0.52 28.49 -16.00
CA ALA A 288 -1.73 29.24 -16.28
C ALA A 288 -2.87 28.56 -15.53
N LEU A 289 -2.80 27.27 -15.31
CA LEU A 289 -3.71 26.48 -14.39
C LEU A 289 -3.70 26.98 -12.95
N ILE A 290 -2.50 27.28 -12.41
CA ILE A 290 -2.28 27.71 -11.10
C ILE A 290 -2.85 29.09 -10.89
N GLN A 291 -2.66 30.00 -11.84
CA GLN A 291 -3.19 31.27 -11.70
C GLN A 291 -4.68 31.26 -11.67
N ASN A 292 -5.26 30.35 -12.39
CA ASN A 292 -6.68 30.31 -12.59
C ASN A 292 -7.29 29.60 -11.39
N LEU A 293 -6.62 28.51 -10.96
CA LEU A 293 -7.03 27.76 -9.78
C LEU A 293 -7.04 28.66 -8.43
N ILE A 294 -6.00 29.45 -8.20
CA ILE A 294 -5.97 30.39 -7.08
C ILE A 294 -7.20 31.22 -7.14
N GLU A 295 -7.49 31.70 -8.31
CA GLU A 295 -8.68 32.52 -8.45
C GLU A 295 -10.00 31.75 -8.29
N GLY A 296 -10.12 30.57 -8.86
CA GLY A 296 -11.32 29.70 -8.63
C GLY A 296 -11.53 29.39 -7.15
N LEU A 297 -10.43 29.20 -6.41
CA LEU A 297 -10.56 28.88 -4.95
C LEU A 297 -10.74 30.10 -4.11
N GLY A 298 -10.91 31.28 -4.72
CA GLY A 298 -11.37 32.51 -4.05
C GLY A 298 -10.20 33.42 -3.72
N GLY A 299 -8.98 33.11 -4.15
CA GLY A 299 -7.87 34.05 -3.93
C GLY A 299 -6.94 33.69 -2.72
N GLU A 300 -5.69 34.08 -2.77
CA GLU A 300 -4.82 33.86 -1.74
C GLU A 300 -5.21 34.78 -0.61
N ALA A 301 -4.84 34.39 0.61
CA ALA A 301 -5.01 35.29 1.74
C ALA A 301 -3.80 36.23 1.59
N GLN A 302 -4.12 37.53 1.53
CA GLN A 302 -3.15 38.67 1.21
C GLN A 302 -2.53 39.34 2.45
N LEU B 2 -2.24 -15.39 17.43
CA LEU B 2 -2.84 -16.73 17.68
C LEU B 2 -4.19 -16.78 16.96
N TRP B 3 -4.92 -15.67 17.12
CA TRP B 3 -6.28 -15.56 16.74
C TRP B 3 -6.23 -15.13 15.31
N PHE B 4 -7.07 -15.77 14.49
CA PHE B 4 -7.21 -15.45 13.09
C PHE B 4 -7.50 -13.98 12.82
N LYS B 5 -6.94 -13.43 11.74
CA LYS B 5 -7.21 -12.03 11.37
C LYS B 5 -8.06 -11.89 10.12
N ASN B 6 -8.06 -12.91 9.28
CA ASN B 6 -8.89 -12.93 8.08
C ASN B 6 -9.23 -14.39 7.98
N LEU B 7 -10.09 -14.79 7.03
CA LEU B 7 -10.53 -16.16 6.85
C LEU B 7 -10.99 -16.45 5.43
N VAL B 9 -12.61 -19.73 3.47
CA VAL B 9 -13.27 -21.06 3.66
C VAL B 9 -13.40 -21.95 2.39
N TYR B 10 -13.21 -23.27 2.54
CA TYR B 10 -13.04 -24.21 1.44
C TYR B 10 -13.64 -25.48 1.91
N ARG B 11 -14.43 -26.18 1.07
CA ARG B 11 -14.97 -27.51 1.42
C ARG B 11 -13.93 -28.50 0.98
N LEU B 12 -13.69 -29.51 1.83
CA LEU B 12 -12.75 -30.58 1.58
C LEU B 12 -13.57 -31.68 0.92
N SER B 13 -13.43 -31.86 -0.40
CA SER B 13 -14.33 -32.80 -1.08
C SER B 13 -14.39 -34.25 -0.55
N ARG B 14 -13.27 -34.82 -0.07
CA ARG B 14 -13.24 -36.16 0.63
C ARG B 14 -12.39 -36.42 1.92
N GLU B 15 -12.83 -37.45 2.66
CA GLU B 15 -12.70 -37.62 4.13
C GLU B 15 -11.36 -37.45 4.84
N ILE B 16 -10.29 -37.15 4.09
CA ILE B 16 -8.88 -37.13 4.61
C ILE B 16 -8.29 -38.54 4.82
N SER B 17 -8.89 -39.30 5.72
CA SER B 17 -8.62 -40.76 5.87
C SER B 17 -7.13 -41.19 5.80
N LEU B 18 -6.22 -40.25 6.06
CA LEU B 18 -4.92 -40.57 6.67
C LEU B 18 -5.23 -40.55 8.20
N ARG B 19 -4.26 -40.82 9.07
CA ARG B 19 -4.45 -40.57 10.54
C ARG B 19 -3.45 -39.51 11.05
N ALA B 20 -3.93 -38.54 11.84
CA ALA B 20 -3.04 -37.56 12.47
C ALA B 20 -2.08 -38.22 13.51
N GLU B 21 -1.06 -38.90 12.97
CA GLU B 21 0.26 -39.27 13.58
C GLU B 21 0.96 -39.71 12.29
N GLU B 22 0.10 -40.10 11.33
CA GLU B 22 0.40 -40.33 9.89
C GLU B 22 0.41 -38.97 9.14
N GLU B 24 0.82 -35.67 10.85
CA GLU B 24 2.05 -35.39 11.59
C GLU B 24 3.33 -35.84 10.92
N LYS B 25 3.33 -37.07 10.42
CA LYS B 25 4.50 -37.67 9.79
C LYS B 25 4.64 -37.31 8.32
N GLN B 26 3.53 -37.05 7.64
CA GLN B 26 3.71 -36.59 6.27
C GLN B 26 4.02 -35.11 6.12
N LEU B 27 3.57 -34.35 7.13
CA LEU B 27 4.00 -32.97 7.34
C LEU B 27 5.44 -32.82 7.96
N ALA B 28 5.92 -33.80 8.74
CA ALA B 28 7.32 -33.79 9.14
C ALA B 28 8.27 -33.82 7.95
N SER B 29 7.88 -34.51 6.90
CA SER B 29 8.73 -34.67 5.76
C SER B 29 8.92 -33.41 4.89
N ALA B 31 8.55 -30.22 6.47
CA ALA B 31 8.96 -29.28 7.48
C ALA B 31 9.89 -28.21 6.93
N PHE B 32 9.60 -26.98 7.31
CA PHE B 32 10.48 -25.88 6.93
C PHE B 32 11.94 -26.03 7.35
N THR B 33 12.84 -25.87 6.39
CA THR B 33 14.23 -25.54 6.66
C THR B 33 14.54 -24.22 5.93
N PRO B 34 15.40 -23.36 6.53
CA PRO B 34 15.72 -22.10 5.80
C PRO B 34 16.36 -22.06 4.39
N CYS B 35 16.21 -20.91 3.78
CA CYS B 35 17.01 -20.53 2.63
C CYS B 35 18.56 -20.69 2.79
N GLY B 36 19.18 -21.32 1.80
CA GLY B 36 20.66 -21.31 1.73
C GLY B 36 20.96 -19.93 1.18
N SER B 37 22.19 -19.44 1.43
CA SER B 37 22.77 -18.31 0.63
C SER B 37 22.28 -18.16 -0.84
N GLN B 38 21.86 -19.22 -1.51
CA GLN B 38 21.60 -19.19 -2.98
C GLN B 38 20.20 -19.62 -3.44
N ASP B 39 19.37 -19.94 -2.45
CA ASP B 39 18.04 -20.50 -2.67
C ASP B 39 16.95 -19.55 -3.21
N ALA B 41 13.90 -18.77 -2.08
CA ALA B 41 12.65 -18.99 -1.40
C ALA B 41 12.51 -20.46 -0.98
N LYS B 42 11.73 -20.65 0.07
CA LYS B 42 11.66 -21.95 0.76
C LYS B 42 10.41 -21.92 1.57
N GLY B 44 7.67 -24.41 4.02
CA GLY B 44 7.29 -25.65 4.71
C GLY B 44 6.48 -25.44 5.98
N TRP B 45 6.31 -26.49 6.78
CA TRP B 45 5.43 -26.55 7.98
C TRP B 45 6.21 -26.32 9.27
N VAL B 46 5.59 -25.65 10.25
CA VAL B 46 6.24 -25.28 11.45
C VAL B 46 5.24 -25.55 12.62
N PRO B 47 5.76 -25.79 13.84
CA PRO B 47 4.85 -25.90 14.99
C PRO B 47 3.90 -24.74 15.07
N PRO B 48 2.58 -25.03 15.02
CA PRO B 48 1.61 -23.91 15.15
C PRO B 48 1.70 -23.23 16.50
N GLY B 50 4.77 -22.93 18.13
CA GLY B 50 6.03 -22.21 18.15
C GLY B 50 7.15 -22.94 18.86
N SER B 51 7.86 -22.17 19.66
CA SER B 51 8.87 -22.75 20.53
C SER B 51 8.34 -23.82 21.51
N HIS B 52 7.18 -23.55 22.05
CA HIS B 52 6.61 -24.37 23.14
C HIS B 52 6.30 -25.84 22.81
N SER B 53 6.45 -26.20 21.54
CA SER B 53 6.16 -27.56 21.09
C SER B 53 6.89 -27.76 19.79
N ASP B 54 7.33 -28.97 19.55
CA ASP B 54 8.04 -29.30 18.32
C ASP B 54 7.13 -30.08 17.34
N ALA B 55 5.83 -30.17 17.64
CA ALA B 55 4.89 -30.86 16.79
C ALA B 55 4.30 -29.89 15.75
N LEU B 56 4.19 -30.39 14.53
CA LEU B 56 3.71 -29.72 13.35
C LEU B 56 2.17 -29.76 13.23
N THR B 57 1.49 -30.51 14.07
CA THR B 57 0.01 -30.42 14.11
C THR B 57 -0.43 -30.20 15.56
N HIS B 58 -1.51 -29.47 15.79
CA HIS B 58 -2.17 -29.50 17.11
C HIS B 58 -3.62 -29.81 16.82
N VAL B 59 -4.18 -30.74 17.59
CA VAL B 59 -5.54 -31.30 17.36
C VAL B 59 -6.47 -31.26 18.62
N ALA B 60 -7.74 -30.96 18.37
CA ALA B 60 -8.68 -30.84 19.47
C ALA B 60 -10.10 -31.00 19.00
N ASN B 61 -10.74 -32.09 19.41
CA ASN B 61 -12.15 -32.17 19.08
C ASN B 61 -12.44 -32.33 17.55
N GLY B 62 -11.52 -32.96 16.80
CA GLY B 62 -11.60 -33.12 15.30
C GLY B 62 -11.22 -31.84 14.50
N GLN B 63 -10.78 -30.84 15.29
CA GLN B 63 -10.23 -29.54 14.81
C GLN B 63 -8.69 -29.58 14.73
N ILE B 64 -8.14 -29.79 13.52
CA ILE B 64 -6.68 -29.72 13.34
C ILE B 64 -6.26 -28.34 12.91
N VAL B 65 -5.07 -27.90 13.30
CA VAL B 65 -4.46 -26.64 12.87
C VAL B 65 -3.02 -26.99 12.46
N ILE B 66 -2.58 -26.44 11.32
CA ILE B 66 -1.21 -26.63 10.83
C ILE B 66 -0.65 -25.20 10.52
N CYS B 67 0.64 -25.04 10.30
CA CYS B 67 1.12 -23.70 10.06
C CYS B 67 2.31 -23.71 9.07
N ALA B 68 2.11 -22.97 7.96
CA ALA B 68 3.06 -22.89 6.87
C ALA B 68 3.91 -21.63 7.09
N ARG B 69 5.21 -21.79 6.86
CA ARG B 69 6.08 -20.71 6.86
C ARG B 69 6.79 -20.57 5.53
N LYS B 70 6.84 -19.34 5.05
CA LYS B 70 7.46 -19.02 3.74
C LYS B 70 8.67 -18.07 3.97
N GLU B 71 9.74 -18.26 3.23
CA GLU B 71 10.84 -17.27 3.27
C GLU B 71 11.28 -16.96 1.87
N GLU B 72 11.46 -15.65 1.61
CA GLU B 72 11.89 -15.16 0.26
C GLU B 72 12.93 -14.12 0.45
N LYS B 73 13.94 -14.23 -0.39
CA LYS B 73 15.01 -13.23 -0.45
C LYS B 73 14.47 -11.82 -0.86
N ILE B 74 14.84 -10.79 -0.09
CA ILE B 74 14.58 -9.38 -0.40
C ILE B 74 15.65 -8.90 -1.44
N LEU B 75 15.34 -9.17 -2.73
CA LEU B 75 16.20 -8.91 -3.90
C LEU B 75 15.42 -8.25 -5.10
N PRO B 76 15.15 -6.93 -5.05
CA PRO B 76 14.43 -6.22 -6.14
C PRO B 76 15.01 -6.38 -7.56
N SER B 77 14.13 -6.62 -8.52
CA SER B 77 14.43 -6.63 -9.95
C SER B 77 15.26 -5.45 -10.58
N PRO B 78 15.19 -4.21 -9.98
CA PRO B 78 16.03 -3.05 -10.32
C PRO B 78 17.46 -3.24 -9.86
N VAL B 79 17.65 -3.70 -8.62
CA VAL B 79 18.98 -4.01 -8.09
C VAL B 79 19.67 -5.05 -8.97
N ILE B 80 18.94 -6.14 -9.29
CA ILE B 80 19.36 -7.13 -10.28
C ILE B 80 19.68 -6.29 -11.48
N LYS B 81 18.70 -5.57 -12.05
CA LYS B 81 18.89 -4.94 -13.38
C LYS B 81 20.14 -4.13 -13.48
N GLN B 82 20.25 -3.15 -12.58
CA GLN B 82 21.42 -2.29 -12.49
C GLN B 82 22.72 -3.04 -12.38
N ALA B 83 22.77 -4.16 -11.66
CA ALA B 83 24.07 -4.80 -11.49
C ALA B 83 24.49 -5.50 -12.78
N LEU B 84 23.50 -5.95 -13.57
CA LEU B 84 23.68 -6.61 -14.91
C LEU B 84 24.10 -5.69 -16.07
N GLU B 85 23.24 -4.73 -16.37
CA GLU B 85 23.55 -3.51 -17.13
C GLU B 85 24.86 -2.78 -16.83
N ALA B 86 25.27 -2.75 -15.55
CA ALA B 86 26.55 -2.13 -15.16
C ALA B 86 27.69 -2.99 -15.65
N LYS B 87 27.43 -4.29 -15.71
CA LYS B 87 28.44 -5.25 -15.99
C LYS B 87 28.60 -5.40 -17.50
N ILE B 88 27.48 -5.31 -18.23
CA ILE B 88 27.50 -5.22 -19.71
C ILE B 88 28.23 -3.94 -20.11
N ALA B 89 27.81 -2.81 -19.55
CA ALA B 89 28.56 -1.55 -19.60
C ALA B 89 29.97 -1.54 -18.90
N LYS B 90 30.59 -2.72 -18.80
CA LYS B 90 32.04 -2.83 -18.64
C LYS B 90 32.62 -3.71 -19.80
N LEU B 91 31.85 -4.68 -20.29
CA LEU B 91 32.26 -5.35 -21.53
C LEU B 91 31.88 -4.50 -22.79
N GLU B 92 32.00 -3.19 -22.53
CA GLU B 92 32.00 -2.10 -23.48
C GLU B 92 33.39 -1.45 -23.37
N ALA B 93 34.38 -2.27 -22.98
CA ALA B 93 35.82 -1.92 -22.95
C ALA B 93 36.37 -1.99 -24.38
N GLU B 94 36.28 -3.18 -24.97
CA GLU B 94 36.41 -3.33 -26.40
C GLU B 94 35.16 -4.14 -26.77
N GLN B 95 34.51 -3.76 -27.87
CA GLN B 95 33.25 -4.40 -28.23
C GLN B 95 33.43 -5.82 -28.83
N ALA B 96 32.48 -6.23 -29.67
CA ALA B 96 32.05 -7.62 -29.84
C ALA B 96 30.81 -7.73 -28.93
N ARG B 97 29.76 -6.97 -29.28
CA ARG B 97 28.42 -6.97 -28.62
C ARG B 97 27.94 -8.41 -28.39
N LYS B 98 28.20 -9.23 -29.42
CA LYS B 98 28.42 -10.69 -29.38
C LYS B 98 27.92 -11.46 -28.14
N LEU B 99 27.10 -12.48 -28.40
CA LEU B 99 26.40 -13.24 -27.35
C LEU B 99 25.86 -12.32 -26.21
N LYS B 100 25.00 -11.39 -26.61
CA LYS B 100 23.97 -10.85 -25.72
C LYS B 100 22.86 -11.90 -25.70
N LYS B 101 23.23 -13.13 -26.07
CA LYS B 101 22.36 -14.31 -26.02
C LYS B 101 22.78 -15.26 -24.89
N THR B 102 24.03 -15.73 -24.94
CA THR B 102 24.58 -16.64 -23.92
C THR B 102 25.80 -16.09 -23.13
N GLU B 103 26.15 -14.81 -23.30
CA GLU B 103 27.15 -14.18 -22.41
C GLU B 103 26.46 -13.32 -21.36
N LYS B 104 25.63 -12.38 -21.80
CA LYS B 104 24.66 -11.73 -20.92
C LYS B 104 23.85 -12.81 -20.17
N ASP B 105 23.61 -13.94 -20.84
CA ASP B 105 22.90 -15.10 -20.28
C ASP B 105 23.64 -15.72 -19.06
N SER B 106 24.86 -16.23 -19.28
CA SER B 106 25.78 -16.66 -18.18
C SER B 106 26.21 -15.47 -17.26
N LEU B 107 25.72 -14.26 -17.57
CA LEU B 107 26.01 -13.07 -16.78
C LEU B 107 25.03 -12.88 -15.60
N LYS B 108 23.72 -12.96 -15.87
CA LYS B 108 22.66 -12.97 -14.84
C LYS B 108 22.99 -13.89 -13.69
N ASP B 109 23.41 -15.10 -14.02
CA ASP B 109 23.75 -16.14 -13.02
C ASP B 109 24.84 -15.68 -12.03
N GLU B 110 25.77 -14.88 -12.54
CA GLU B 110 26.87 -14.37 -11.79
C GLU B 110 26.45 -13.17 -10.92
N VAL B 111 25.65 -12.28 -11.48
CA VAL B 111 24.98 -11.23 -10.69
C VAL B 111 24.19 -11.84 -9.51
N LEU B 112 23.37 -12.86 -9.82
CA LEU B 112 22.51 -13.52 -8.85
C LEU B 112 23.32 -14.23 -7.79
N HIS B 113 24.26 -15.01 -8.28
CA HIS B 113 25.19 -15.67 -7.43
C HIS B 113 25.94 -14.64 -6.59
N SER B 114 26.32 -13.49 -7.16
CA SER B 114 26.95 -12.41 -6.41
C SER B 114 26.03 -11.78 -5.37
N LEU B 115 24.79 -11.44 -5.77
CA LEU B 115 23.83 -10.76 -4.90
C LEU B 115 22.99 -11.64 -3.99
N LEU B 116 22.48 -12.80 -4.44
CA LEU B 116 21.67 -13.64 -3.51
C LEU B 116 22.21 -13.78 -2.00
N PRO B 117 23.52 -14.06 -1.83
CA PRO B 117 24.02 -14.13 -0.45
C PRO B 117 23.93 -12.85 0.35
N ARG B 118 23.69 -11.69 -0.28
CA ARG B 118 23.73 -10.37 0.39
C ARG B 118 22.36 -10.07 0.90
N ALA B 119 21.40 -10.53 0.09
CA ALA B 119 19.97 -10.33 0.26
C ALA B 119 19.44 -10.78 1.66
N PHE B 120 18.50 -10.02 2.22
CA PHE B 120 17.95 -10.25 3.58
C PHE B 120 16.72 -11.04 3.26
N SER B 121 16.03 -11.50 4.30
CA SER B 121 14.85 -12.41 4.09
C SER B 121 13.55 -11.82 4.58
N ARG B 122 12.51 -12.05 3.76
CA ARG B 122 11.16 -11.83 4.22
C ARG B 122 10.48 -13.19 4.62
N PHE B 123 9.88 -13.16 5.81
CA PHE B 123 9.06 -14.24 6.39
C PHE B 123 7.54 -13.95 6.52
N SER B 124 6.72 -14.90 6.02
CA SER B 124 5.31 -15.05 6.48
C SER B 124 4.94 -16.48 7.02
N GLN B 125 3.99 -16.59 7.92
CA GLN B 125 3.46 -17.85 8.41
C GLN B 125 2.03 -17.85 8.08
N THR B 126 1.44 -19.04 7.90
CA THR B 126 -0.03 -19.06 7.63
C THR B 126 -0.65 -20.19 8.33
N TRP B 129 -6.57 -24.21 9.47
CA TRP B 129 -7.41 -24.96 10.35
C TRP B 129 -8.34 -25.88 9.57
N ILE B 130 -8.24 -27.16 9.89
CA ILE B 130 -9.08 -28.20 9.26
C ILE B 130 -10.13 -28.69 10.22
N ASP B 131 -11.39 -28.47 9.77
CA ASP B 131 -12.59 -28.92 10.48
C ASP B 131 -13.16 -30.25 9.95
N THR B 132 -12.59 -31.36 10.39
CA THR B 132 -12.92 -32.70 9.89
C THR B 132 -14.45 -33.03 10.04
N VAL B 133 -15.01 -32.88 11.25
CA VAL B 133 -16.48 -32.77 11.39
C VAL B 133 -17.28 -32.12 10.18
N ASN B 134 -17.13 -30.80 9.93
CA ASN B 134 -17.79 -30.13 8.74
C ASN B 134 -17.23 -30.29 7.30
N GLY B 135 -15.99 -30.78 7.15
CA GLY B 135 -15.29 -30.91 5.86
C GLY B 135 -14.94 -29.61 5.17
N LEU B 136 -14.53 -28.65 6.00
CA LEU B 136 -14.16 -27.29 5.61
C LEU B 136 -12.71 -27.12 6.00
N ILE B 137 -12.00 -26.26 5.28
CA ILE B 137 -10.67 -25.72 5.68
C ILE B 137 -10.63 -24.23 5.63
N VAL B 139 -8.30 -20.87 6.13
CA VAL B 139 -6.95 -20.37 6.02
C VAL B 139 -7.08 -18.94 6.50
N ASP B 140 -6.15 -18.60 7.40
CA ASP B 140 -5.94 -17.25 7.93
C ASP B 140 -5.12 -16.41 6.97
N CYS B 141 -5.79 -15.85 5.96
CA CYS B 141 -5.17 -15.09 4.91
C CYS B 141 -6.17 -14.23 4.17
N ALA B 142 -5.66 -13.13 3.64
CA ALA B 142 -6.49 -12.09 3.04
C ALA B 142 -6.58 -12.25 1.52
N SER B 143 -5.65 -13.05 0.96
CA SER B 143 -5.65 -13.31 -0.44
C SER B 143 -5.82 -14.75 -0.76
N ALA B 144 -6.63 -15.00 -1.77
CA ALA B 144 -6.69 -16.31 -2.45
C ALA B 144 -5.40 -16.91 -3.11
N LYS B 145 -4.50 -16.09 -3.63
CA LYS B 145 -3.17 -16.53 -4.04
C LYS B 145 -2.50 -17.37 -2.96
N LYS B 146 -2.10 -16.69 -1.87
CA LYS B 146 -1.70 -17.22 -0.56
C LYS B 146 -2.47 -18.39 0.04
N ALA B 147 -3.81 -18.43 0.00
CA ALA B 147 -4.50 -19.61 0.51
C ALA B 147 -4.20 -20.78 -0.45
N GLU B 148 -4.14 -20.51 -1.76
CA GLU B 148 -3.91 -21.57 -2.76
C GLU B 148 -2.48 -22.12 -2.68
N ASP B 149 -1.55 -21.24 -2.29
CA ASP B 149 -0.16 -21.65 -1.94
C ASP B 149 -0.11 -22.61 -0.75
N THR B 150 -0.83 -22.33 0.30
CA THR B 150 -0.75 -23.15 1.47
C THR B 150 -1.50 -24.47 1.25
N LEU B 151 -2.50 -24.48 0.36
CA LEU B 151 -3.20 -25.73 0.12
C LEU B 151 -2.38 -26.67 -0.71
N ALA B 152 -1.84 -26.16 -1.79
CA ALA B 152 -0.79 -26.75 -2.54
C ALA B 152 0.27 -27.43 -1.62
N LEU B 153 0.76 -26.72 -0.61
CA LEU B 153 1.75 -27.32 0.29
C LEU B 153 1.14 -28.58 0.87
N LEU B 154 -0.06 -28.46 1.42
CA LEU B 154 -0.70 -29.59 2.02
C LEU B 154 -1.12 -30.72 1.02
N ARG B 155 -1.50 -30.32 -0.20
CA ARG B 155 -1.80 -31.34 -1.19
C ARG B 155 -0.55 -32.16 -1.72
N LYS B 156 0.61 -31.54 -1.57
CA LYS B 156 1.93 -32.19 -1.75
C LYS B 156 2.27 -33.03 -0.53
N SER B 157 2.26 -32.49 0.68
CA SER B 157 2.43 -33.31 1.87
C SER B 157 1.51 -34.56 1.96
N LEU B 158 0.22 -34.45 1.62
CA LEU B 158 -0.82 -35.54 1.71
C LEU B 158 -1.03 -36.39 0.45
N GLY B 159 -0.45 -36.01 -0.65
CA GLY B 159 -0.71 -36.69 -1.90
C GLY B 159 -1.77 -35.96 -2.67
N SER B 160 -2.97 -35.96 -2.09
CA SER B 160 -4.25 -35.38 -2.58
C SER B 160 -5.02 -34.54 -1.52
N LEU B 161 -5.48 -33.33 -1.96
CA LEU B 161 -6.43 -32.45 -1.24
C LEU B 161 -7.50 -31.89 -2.23
N PRO B 162 -8.65 -32.58 -2.36
CA PRO B 162 -9.60 -31.99 -3.35
C PRO B 162 -10.50 -30.96 -2.62
N VAL B 163 -10.37 -29.71 -3.01
CA VAL B 163 -11.09 -28.66 -2.26
C VAL B 163 -11.77 -27.73 -3.23
N VAL B 164 -12.83 -27.10 -2.72
CA VAL B 164 -13.59 -26.08 -3.45
C VAL B 164 -13.98 -24.96 -2.50
N PRO B 165 -13.95 -23.70 -2.97
CA PRO B 165 -14.56 -22.63 -2.13
C PRO B 165 -16.10 -22.79 -1.99
N LEU B 166 -16.70 -22.64 -0.80
CA LEU B 166 -18.18 -22.44 -0.66
C LEU B 166 -18.81 -21.66 -1.81
N SER B 167 -19.87 -22.16 -2.41
CA SER B 167 -20.53 -21.39 -3.51
C SER B 167 -21.99 -21.28 -3.05
N GLU B 169 -25.99 -20.32 -3.24
CA GLU B 169 -27.03 -20.45 -4.22
C GLU B 169 -27.33 -19.10 -4.83
N ASN B 170 -27.42 -18.13 -3.92
CA ASN B 170 -27.59 -16.72 -4.29
C ASN B 170 -26.39 -15.86 -4.12
N PRO B 171 -26.12 -15.05 -5.19
CA PRO B 171 -24.96 -14.17 -5.16
C PRO B 171 -25.03 -13.38 -3.86
N ILE B 172 -23.85 -13.23 -3.25
CA ILE B 172 -23.66 -12.62 -1.94
C ILE B 172 -24.01 -11.14 -1.92
N GLU B 173 -23.72 -10.43 -3.02
CA GLU B 173 -23.98 -8.98 -3.19
C GLU B 173 -25.42 -8.67 -2.96
N LEU B 174 -26.26 -9.38 -3.69
CA LEU B 174 -27.72 -9.30 -3.57
C LEU B 174 -28.24 -9.55 -2.12
N THR B 175 -27.67 -10.48 -1.40
CA THR B 175 -28.10 -10.65 0.01
C THR B 175 -27.67 -9.52 0.91
N LEU B 176 -26.43 -9.06 0.69
CA LEU B 176 -25.79 -7.89 1.34
C LEU B 176 -26.59 -6.60 1.18
N THR B 177 -26.85 -6.23 -0.08
CA THR B 177 -27.78 -5.20 -0.54
C THR B 177 -29.15 -5.28 0.15
N GLU B 178 -29.79 -6.45 0.08
CA GLU B 178 -31.08 -6.61 0.76
C GLU B 178 -30.99 -6.28 2.16
N TRP B 179 -30.01 -6.78 2.88
CA TRP B 179 -29.85 -6.47 4.34
C TRP B 179 -29.65 -4.97 4.51
N VAL B 180 -29.11 -4.29 3.51
CA VAL B 180 -28.87 -2.86 3.77
C VAL B 180 -30.11 -2.08 3.39
N ARG B 181 -30.76 -2.50 2.31
CA ARG B 181 -32.13 -2.00 2.00
C ARG B 181 -33.09 -2.27 3.20
N SER B 182 -33.28 -3.52 3.53
CA SER B 182 -34.21 -3.80 4.63
C SER B 182 -33.82 -3.16 6.02
N GLY B 183 -32.61 -2.63 6.19
CA GLY B 183 -32.27 -2.05 7.47
C GLY B 183 -31.71 -3.01 8.53
N SER B 184 -31.49 -4.27 8.12
CA SER B 184 -31.25 -5.32 9.10
C SER B 184 -30.48 -6.48 8.49
N ALA B 185 -29.57 -7.10 9.24
CA ALA B 185 -28.80 -8.28 8.76
C ALA B 185 -29.64 -9.57 9.05
N ALA B 186 -29.15 -10.78 8.80
CA ALA B 186 -29.85 -12.03 9.29
C ALA B 186 -29.55 -12.20 10.79
N GLN B 187 -30.35 -12.99 11.51
CA GLN B 187 -30.20 -13.13 12.99
C GLN B 187 -28.80 -13.61 13.35
N GLY B 188 -28.23 -13.12 14.46
CA GLY B 188 -26.85 -13.44 14.87
C GLY B 188 -25.90 -12.35 14.44
N PHE B 189 -26.24 -11.69 13.33
CA PHE B 189 -25.44 -10.60 12.71
C PHE B 189 -26.12 -9.33 12.89
N GLN B 190 -25.38 -8.28 13.23
CA GLN B 190 -25.93 -6.92 13.09
C GLN B 190 -25.03 -6.01 12.28
N LEU B 191 -25.59 -5.24 11.35
CA LEU B 191 -24.85 -4.29 10.50
C LEU B 191 -23.96 -3.31 11.28
N LEU B 192 -22.69 -3.17 10.87
CA LEU B 192 -21.76 -2.16 11.51
C LEU B 192 -21.66 -0.88 10.67
N ASP B 193 -20.48 -0.29 10.50
CA ASP B 193 -20.44 1.10 9.95
C ASP B 193 -19.54 1.31 8.71
N GLU B 194 -19.36 0.26 7.88
CA GLU B 194 -18.45 0.16 6.75
C GLU B 194 -19.06 -0.67 5.55
N ALA B 195 -18.96 -0.13 4.34
CA ALA B 195 -19.47 -0.81 3.17
C ALA B 195 -18.84 -0.29 1.84
N GLU B 196 -18.69 -1.19 0.90
CA GLU B 196 -18.34 -0.80 -0.50
C GLU B 196 -19.60 -1.15 -1.25
N LEU B 197 -19.95 -0.24 -2.15
CA LEU B 197 -21.17 -0.27 -2.95
C LEU B 197 -20.73 -0.12 -4.35
N LYS B 198 -21.05 -1.07 -5.20
CA LYS B 198 -20.64 -1.01 -6.58
C LYS B 198 -21.88 -1.04 -7.50
N SER B 199 -21.93 -0.17 -8.52
CA SER B 199 -22.98 -0.32 -9.53
C SER B 199 -22.78 -1.51 -10.40
N LEU B 200 -23.91 -1.97 -10.98
CA LEU B 200 -23.88 -3.10 -11.94
C LEU B 200 -23.30 -2.88 -13.32
N LEU B 201 -23.63 -1.77 -13.95
CA LEU B 201 -22.94 -1.39 -15.16
C LEU B 201 -21.42 -1.36 -14.95
N GLU B 202 -20.65 -1.83 -15.95
CA GLU B 202 -19.17 -1.98 -15.97
C GLU B 202 -18.43 -0.72 -15.60
N ASP B 203 -19.17 0.40 -15.75
CA ASP B 203 -18.63 1.74 -15.92
C ASP B 203 -19.04 2.69 -14.77
N GLY B 204 -19.74 2.13 -13.78
CA GLY B 204 -20.44 2.88 -12.74
C GLY B 204 -19.62 3.09 -11.46
N GLY B 205 -20.14 3.97 -10.62
CA GLY B 205 -19.51 4.33 -9.37
C GLY B 205 -19.05 3.21 -8.47
N VAL B 206 -18.06 3.53 -7.63
CA VAL B 206 -17.80 2.74 -6.42
C VAL B 206 -17.93 3.76 -5.35
N ILE B 207 -18.70 3.39 -4.34
CA ILE B 207 -18.78 4.03 -3.04
C ILE B 207 -18.20 3.19 -1.92
N ARG B 208 -17.18 3.77 -1.25
CA ARG B 208 -16.56 3.26 -0.01
C ARG B 208 -16.88 4.11 1.21
N ALA B 209 -17.52 3.50 2.18
CA ALA B 209 -17.97 4.30 3.30
C ALA B 209 -17.29 3.74 4.54
N LYS B 210 -16.86 4.63 5.43
CA LYS B 210 -16.36 4.14 6.65
C LYS B 210 -16.91 5.06 7.70
N LYS B 211 -17.03 4.50 8.92
CA LYS B 211 -17.42 5.23 10.18
C LYS B 211 -18.68 5.88 9.92
N GLN B 212 -19.49 5.20 9.11
CA GLN B 212 -20.73 5.71 8.51
C GLN B 212 -21.95 4.92 9.04
N ASP B 213 -23.05 5.60 9.15
CA ASP B 213 -24.22 4.97 9.57
C ASP B 213 -24.88 4.44 8.34
N LEU B 214 -24.98 3.14 8.25
CA LEU B 214 -25.43 2.49 7.04
C LEU B 214 -26.98 2.36 6.95
N THR B 215 -27.66 2.57 8.12
CA THR B 215 -29.14 2.66 8.20
C THR B 215 -29.57 4.07 8.18
N SER B 216 -29.45 4.68 6.97
CA SER B 216 -29.68 6.07 6.74
C SER B 216 -29.88 6.34 5.25
N GLU B 217 -30.55 7.44 4.91
CA GLU B 217 -30.82 7.76 3.50
C GLU B 217 -29.63 7.85 2.58
N GLU B 218 -28.52 8.43 3.07
CA GLU B 218 -27.28 8.53 2.30
C GLU B 218 -26.77 7.20 1.81
N ILE B 219 -26.89 6.15 2.61
CA ILE B 219 -26.45 4.84 2.11
C ILE B 219 -27.43 4.27 1.10
N THR B 220 -28.68 4.11 1.54
CA THR B 220 -29.74 3.38 0.80
C THR B 220 -30.13 4.11 -0.44
N ASN B 221 -30.03 5.43 -0.46
CA ASN B 221 -30.11 6.10 -1.75
C ASN B 221 -29.20 5.51 -2.84
N HIS B 222 -27.92 5.20 -2.48
CA HIS B 222 -26.98 4.39 -3.41
C HIS B 222 -27.50 3.10 -3.94
N ILE B 223 -28.22 2.39 -3.11
CA ILE B 223 -28.96 1.17 -3.48
C ILE B 223 -30.18 1.44 -4.41
N GLU B 224 -31.05 2.39 -4.05
CA GLU B 224 -32.05 2.84 -5.04
C GLU B 224 -31.46 3.23 -6.38
N ALA B 225 -30.34 3.92 -6.35
CA ALA B 225 -29.66 4.30 -7.56
C ALA B 225 -29.14 3.06 -8.24
N GLY B 226 -29.40 1.88 -7.66
CA GLY B 226 -28.91 0.66 -8.29
C GLY B 226 -27.55 0.07 -7.97
N LYS B 227 -26.86 0.62 -6.92
CA LYS B 227 -25.60 -0.01 -6.38
C LYS B 227 -25.83 -1.27 -5.60
N VAL B 228 -24.91 -2.23 -5.73
CA VAL B 228 -24.93 -3.50 -4.88
C VAL B 228 -23.78 -3.34 -3.80
N VAL B 229 -24.05 -3.84 -2.61
CA VAL B 229 -23.09 -3.97 -1.45
C VAL B 229 -22.16 -5.17 -1.68
N THR B 230 -20.93 -4.90 -2.12
CA THR B 230 -19.98 -5.92 -2.29
C THR B 230 -19.05 -6.17 -1.01
N LYS B 231 -19.13 -5.36 0.03
CA LYS B 231 -18.35 -5.64 1.27
C LYS B 231 -19.18 -5.12 2.39
N LEU B 232 -19.48 -5.89 3.38
CA LEU B 232 -20.23 -5.23 4.46
C LEU B 232 -19.65 -5.61 5.81
N ALA B 233 -19.36 -4.63 6.65
CA ALA B 233 -18.91 -4.90 8.07
C ALA B 233 -19.96 -5.49 9.03
N LEU B 234 -19.71 -6.59 9.71
CA LEU B 234 -20.83 -7.17 10.52
C LEU B 234 -20.37 -7.57 11.98
N ASP B 235 -21.29 -7.60 12.94
CA ASP B 235 -20.96 -8.14 14.26
C ASP B 235 -21.72 -9.45 14.38
N TRP B 236 -21.04 -10.56 14.58
CA TRP B 236 -21.67 -11.79 14.95
C TRP B 236 -21.85 -11.90 16.49
N GLN B 237 -23.10 -11.84 16.96
CA GLN B 237 -23.46 -12.11 18.37
C GLN B 237 -22.78 -11.20 19.44
N GLN B 238 -22.21 -10.06 19.02
CA GLN B 238 -21.44 -9.12 19.90
C GLN B 238 -20.17 -9.72 20.38
N ARG B 239 -19.72 -10.77 19.65
CA ARG B 239 -18.43 -11.45 19.93
C ARG B 239 -17.33 -11.26 18.88
N ILE B 240 -17.70 -11.35 17.60
CA ILE B 240 -16.73 -11.26 16.53
C ILE B 240 -17.20 -10.23 15.52
N GLN B 241 -16.42 -9.15 15.26
CA GLN B 241 -16.68 -8.27 14.06
C GLN B 241 -15.78 -8.68 12.92
N PHE B 242 -16.23 -8.48 11.68
CA PHE B 242 -15.48 -8.82 10.48
C PHE B 242 -16.10 -8.07 9.30
N VAL B 243 -15.43 -8.12 8.14
CA VAL B 243 -15.99 -7.63 6.84
C VAL B 243 -16.35 -8.82 5.91
N CYS B 245 -17.18 -10.29 2.25
CA CYS B 245 -16.87 -9.86 0.89
C CYS B 245 -17.67 -10.73 -0.05
N ASP B 246 -17.82 -10.34 -1.33
CA ASP B 246 -18.81 -11.02 -2.16
C ASP B 246 -18.16 -12.12 -2.99
N ASP B 247 -16.84 -12.17 -2.93
CA ASP B 247 -15.97 -13.29 -3.34
C ASP B 247 -16.06 -14.30 -2.26
N GLY B 248 -16.71 -14.02 -1.15
CA GLY B 248 -16.95 -15.13 -0.18
C GLY B 248 -16.09 -15.07 1.06
N SER B 249 -15.05 -14.24 1.09
CA SER B 249 -14.11 -14.20 2.25
C SER B 249 -14.40 -13.23 3.37
N LEU B 250 -13.84 -13.47 4.55
CA LEU B 250 -14.06 -12.63 5.76
C LEU B 250 -12.75 -11.93 6.11
N LYS B 251 -12.74 -10.60 6.14
CA LYS B 251 -11.57 -9.81 6.31
C LYS B 251 -11.62 -9.18 7.76
N ARG B 252 -10.46 -8.92 8.39
CA ARG B 252 -10.33 -8.13 9.57
C ARG B 252 -11.22 -8.64 10.72
N LEU B 253 -10.94 -9.89 11.12
CA LEU B 253 -11.62 -10.49 12.27
C LEU B 253 -11.13 -9.78 13.57
N LYS B 254 -12.08 -9.20 14.30
CA LYS B 254 -11.90 -8.68 15.66
C LYS B 254 -12.76 -9.51 16.57
N PHE B 255 -12.12 -10.31 17.38
CA PHE B 255 -12.69 -11.06 18.52
C PHE B 255 -12.84 -10.08 19.72
N CYS B 256 -14.08 -9.96 20.25
CA CYS B 256 -14.38 -9.10 21.43
C CYS B 256 -13.43 -9.38 22.58
N ASP B 257 -13.19 -8.42 23.45
CA ASP B 257 -12.28 -8.71 24.55
C ASP B 257 -12.67 -9.92 25.39
N GLU B 258 -13.96 -10.26 25.47
CA GLU B 258 -14.35 -11.29 26.43
C GLU B 258 -13.61 -12.54 26.18
N LEU B 259 -13.57 -12.86 24.88
CA LEU B 259 -13.02 -14.10 24.30
C LEU B 259 -11.52 -14.07 24.39
N ARG B 260 -10.94 -12.93 24.09
CA ARG B 260 -9.48 -12.85 24.16
C ARG B 260 -8.98 -13.22 25.57
N ASP B 261 -9.85 -13.04 26.56
CA ASP B 261 -9.51 -12.97 27.99
C ASP B 261 -10.06 -14.08 28.82
N GLN B 262 -11.01 -14.80 28.24
CA GLN B 262 -11.64 -15.92 28.85
C GLN B 262 -10.77 -17.12 29.18
N ASN B 263 -9.46 -16.96 29.29
CA ASN B 263 -8.52 -18.05 29.67
C ASN B 263 -7.30 -17.35 30.33
N GLU B 264 -7.55 -16.20 30.94
CA GLU B 264 -6.61 -15.20 31.43
C GLU B 264 -5.95 -15.56 32.77
N ASP B 265 -6.71 -16.32 33.56
CA ASP B 265 -6.77 -16.32 35.03
C ASP B 265 -5.54 -16.88 35.80
N ILE B 266 -5.44 -18.21 35.73
CA ILE B 266 -4.44 -19.04 36.40
C ILE B 266 -3.60 -19.74 35.29
N ASP B 267 -3.55 -19.08 34.12
CA ASP B 267 -2.55 -19.41 33.11
C ASP B 267 -1.50 -18.34 33.15
N ARG B 268 -0.26 -18.74 33.45
CA ARG B 268 0.85 -17.80 33.62
C ARG B 268 2.01 -18.20 32.72
N GLU B 269 3.03 -18.87 33.28
CA GLU B 269 4.20 -19.36 32.55
C GLU B 269 3.84 -20.37 31.47
N ASP B 270 2.77 -21.13 31.67
CA ASP B 270 2.56 -22.30 30.79
C ASP B 270 1.69 -22.07 29.54
N PHE B 271 2.41 -21.99 28.42
CA PHE B 271 1.87 -21.63 27.16
C PHE B 271 1.02 -22.73 26.58
N ALA B 272 1.43 -23.98 26.80
CA ALA B 272 0.80 -25.10 26.11
C ALA B 272 -0.69 -25.22 26.42
N GLN B 273 -1.09 -24.91 27.67
CA GLN B 273 -2.50 -24.94 28.10
C GLN B 273 -3.37 -23.79 27.64
N ARG B 274 -2.80 -22.58 27.58
CA ARG B 274 -3.55 -21.44 27.03
C ARG B 274 -3.88 -21.66 25.53
N PHE B 275 -2.95 -22.29 24.82
CA PHE B 275 -3.08 -22.60 23.42
C PHE B 275 -4.28 -23.47 23.09
N ASP B 276 -4.32 -24.64 23.76
CA ASP B 276 -5.39 -25.65 23.60
C ASP B 276 -6.71 -25.08 23.96
N ALA B 277 -6.69 -24.23 24.99
CA ALA B 277 -7.90 -23.70 25.54
C ALA B 277 -8.44 -22.63 24.59
N ASP B 278 -7.59 -21.66 24.28
CA ASP B 278 -7.83 -20.61 23.27
C ASP B 278 -8.18 -21.21 21.86
N PHE B 279 -7.48 -22.27 21.46
CA PHE B 279 -7.77 -22.98 20.21
C PHE B 279 -9.16 -23.61 20.22
N ILE B 280 -9.48 -24.36 21.28
CA ILE B 280 -10.80 -24.97 21.41
C ILE B 280 -11.82 -23.84 21.32
N LEU B 281 -11.60 -22.82 22.16
CA LEU B 281 -12.49 -21.69 22.13
C LEU B 281 -12.70 -20.98 20.72
N THR B 283 -11.89 -22.04 17.33
CA THR B 283 -12.53 -23.02 16.46
C THR B 283 -14.06 -23.16 16.66
N GLY B 284 -14.48 -23.36 17.92
CA GLY B 284 -15.88 -23.63 18.24
C GLY B 284 -16.70 -22.39 18.06
N GLU B 285 -16.10 -21.28 18.35
CA GLU B 285 -16.74 -20.02 18.13
C GLU B 285 -16.93 -19.65 16.60
N LEU B 286 -15.86 -19.86 15.81
CA LEU B 286 -15.85 -19.57 14.30
C LEU B 286 -16.50 -20.62 13.46
N ALA B 287 -16.42 -21.87 13.91
CA ALA B 287 -17.41 -22.90 13.49
C ALA B 287 -18.88 -22.46 13.62
N ALA B 288 -19.34 -21.92 14.76
CA ALA B 288 -20.71 -21.28 14.81
C ALA B 288 -21.06 -20.19 13.76
N LEU B 289 -20.22 -19.13 13.72
CA LEU B 289 -20.26 -18.05 12.73
C LEU B 289 -20.31 -18.63 11.31
N ILE B 290 -19.49 -19.61 11.01
CA ILE B 290 -19.53 -20.11 9.64
C ILE B 290 -20.88 -20.76 9.34
N GLN B 291 -21.32 -21.59 10.32
CA GLN B 291 -22.68 -22.21 10.17
C GLN B 291 -23.79 -21.15 10.15
N ASN B 292 -23.82 -20.27 11.12
CA ASN B 292 -24.81 -19.18 11.23
C ASN B 292 -24.80 -18.26 9.99
N LEU B 293 -23.68 -18.18 9.26
CA LEU B 293 -23.55 -17.33 8.09
C LEU B 293 -23.83 -17.92 6.65
N ILE B 294 -23.57 -19.22 6.44
CA ILE B 294 -24.24 -20.03 5.39
C ILE B 294 -25.77 -20.02 5.53
N GLU B 295 -26.23 -20.14 6.75
CA GLU B 295 -27.65 -19.98 6.86
C GLU B 295 -28.00 -18.42 6.54
N GLY B 296 -27.65 -17.51 7.44
CA GLY B 296 -27.87 -16.10 7.15
C GLY B 296 -27.81 -15.82 5.64
N LEU B 297 -26.88 -16.39 4.92
CA LEU B 297 -26.65 -15.95 3.51
C LEU B 297 -27.46 -16.60 2.35
N GLY B 298 -28.50 -17.38 2.73
CA GLY B 298 -29.20 -18.26 1.83
C GLY B 298 -28.93 -19.76 2.16
N GLY B 299 -27.67 -20.14 1.86
CA GLY B 299 -27.30 -21.49 1.79
C GLY B 299 -26.55 -21.75 0.50
N GLU B 300 -26.13 -22.98 0.46
CA GLU B 300 -25.05 -23.36 -0.31
C GLU B 300 -25.52 -24.07 -1.56
N ALA B 301 -24.55 -24.34 -2.41
CA ALA B 301 -24.59 -25.62 -3.19
C ALA B 301 -25.52 -25.50 -4.39
N GLN B 302 -25.94 -26.70 -4.85
CA GLN B 302 -26.79 -26.96 -5.99
C GLN B 302 -27.79 -28.03 -5.55
#